data_3SOA
#
_entry.id   3SOA
#
_cell.length_a   155.720
_cell.length_b   155.720
_cell.length_c   106.160
_cell.angle_alpha   90.00
_cell.angle_beta   90.00
_cell.angle_gamma   120.00
#
_symmetry.space_group_name_H-M   'P 6 2 2'
#
loop_
_entity.id
_entity.type
_entity.pdbx_description
1 polymer 'Calcium/calmodulin-dependent protein kinase type II subunit alpha with a beta 7 linker'
2 non-polymer 4-[(2,4-dichloro-5-methoxyphenyl)amino]-6-methoxy-7-[3-(4-methylpiperazin-1-yl)propoxy]quinoline-3-carbonitrile
#
_entity_poly.entity_id   1
_entity_poly.type   'polypeptide(L)'
_entity_poly.pdbx_seq_one_letter_code
;MATITCTRFTEEYQLFEELGKGAFSVVRRCVKVLAGQEYAAMIINTKKLSARDHQKLEREARICRLLKHPNIVRLHDSIS
EEGHHYLIFDLVTGGELFEDIVAREYYSEADASHCIQQILEAVLHCHQMGVVHRNLKPENLLLASKLKGAAVKLADFGLA
IEVEGEQQAWFGFAGTPGYLSPEVLRKDPYGKPVDLWACGVILYILLVGYPPFWDEDQHRLYQQIKAGAYDFPSPEWDTV
TPEAKDLINKMLTINPSKRITAAEALKHPWISHRSTVASCMHRQETVDCLKKFNARRKLKGAILTVMLATRNFSVRKQEI
IKVTEQLIEAISNGDFESYTKMCDPGMTAFEPEALGNLVEGLDFHRFYFENLWSRNSKPVHTTILNPHIHLMGDESACIA
YIRITQYLDAGGIPRTAQSEETRVWHRRDGKWQIVHFHRSGAPS
;
_entity_poly.pdbx_strand_id   A
#
# COMPACT_ATOMS: atom_id res chain seq x y z
N THR A 7 11.68 22.16 13.89
CA THR A 7 12.05 23.23 14.79
C THR A 7 10.80 23.70 15.49
N ARG A 8 9.82 24.08 14.70
CA ARG A 8 8.61 24.65 15.25
C ARG A 8 7.61 23.59 15.78
N PHE A 9 7.62 22.42 15.15
CA PHE A 9 6.75 21.31 15.56
C PHE A 9 7.19 20.70 16.88
N THR A 10 8.40 21.07 17.28
CA THR A 10 8.92 20.62 18.55
C THR A 10 8.19 21.30 19.69
N GLU A 11 7.97 22.60 19.53
CA GLU A 11 7.38 23.42 20.59
C GLU A 11 5.86 23.33 20.71
N GLU A 12 5.16 23.47 19.59
CA GLU A 12 3.72 23.60 19.60
C GLU A 12 2.98 22.28 19.85
N TYR A 13 3.57 21.18 19.40
CA TYR A 13 2.85 19.91 19.33
C TYR A 13 3.32 18.85 20.32
N GLN A 14 2.40 18.00 20.77
CA GLN A 14 2.78 16.81 21.52
C GLN A 14 2.46 15.53 20.75
N LEU A 15 3.36 14.55 20.88
CA LEU A 15 3.31 13.32 20.10
C LEU A 15 2.77 12.11 20.91
N PHE A 16 2.04 11.26 20.20
CA PHE A 16 1.40 10.09 20.79
C PHE A 16 1.54 8.91 19.83
N GLU A 17 0.72 7.89 20.04
CA GLU A 17 0.83 6.62 19.33
C GLU A 17 0.95 6.69 17.82
N GLU A 18 1.66 5.71 17.26
CA GLU A 18 1.71 5.52 15.82
C GLU A 18 0.36 5.10 15.24
N LEU A 19 0.08 5.61 14.05
CA LEU A 19 -1.07 5.21 13.23
C LEU A 19 -0.65 4.17 12.18
N GLY A 20 0.36 4.50 11.37
CA GLY A 20 0.85 3.61 10.34
C GLY A 20 2.35 3.75 10.09
N LYS A 21 2.87 3.04 9.08
CA LYS A 21 4.30 3.08 8.81
C LYS A 21 4.66 2.91 7.33
N GLY A 22 5.83 3.44 6.94
CA GLY A 22 6.32 3.32 5.58
C GLY A 22 7.69 3.93 5.36
N SER A 25 9.57 6.37 7.07
CA SER A 25 8.66 7.33 7.70
C SER A 25 7.62 6.65 8.59
N VAL A 26 7.00 7.44 9.47
CA VAL A 26 5.94 6.94 10.36
C VAL A 26 4.83 7.96 10.61
N VAL A 27 3.58 7.51 10.54
CA VAL A 27 2.44 8.33 10.90
C VAL A 27 2.26 8.24 12.40
N ARG A 28 1.94 9.36 13.04
CA ARG A 28 1.65 9.35 14.47
C ARG A 28 0.61 10.42 14.83
N ARG A 29 -0.26 10.09 15.78
CA ARG A 29 -1.19 11.07 16.29
C ARG A 29 -0.47 12.08 17.15
N CYS A 30 -0.89 13.33 17.05
CA CYS A 30 -0.41 14.37 17.94
C CYS A 30 -1.56 15.29 18.26
N VAL A 31 -1.30 16.28 19.10
CA VAL A 31 -2.27 17.31 19.39
C VAL A 31 -1.53 18.63 19.54
N LYS A 32 -2.06 19.67 18.92
CA LYS A 32 -1.49 21.00 19.07
C LYS A 32 -1.78 21.51 20.49
N VAL A 33 -0.75 21.97 21.18
CA VAL A 33 -0.92 22.46 22.55
C VAL A 33 -1.60 23.81 22.56
N LEU A 34 -1.16 24.68 21.66
CA LEU A 34 -1.54 26.08 21.70
C LEU A 34 -3.03 26.35 21.45
N ALA A 35 -3.56 25.84 20.34
CA ALA A 35 -5.00 25.72 20.19
C ALA A 35 -5.27 24.23 20.16
N GLY A 36 -5.81 23.69 21.25
CA GLY A 36 -5.80 22.26 21.42
C GLY A 36 -6.64 21.57 20.37
N GLN A 37 -5.97 20.80 19.54
CA GLN A 37 -6.66 19.99 18.54
C GLN A 37 -5.79 18.84 18.11
N GLU A 38 -6.41 17.71 17.79
CA GLU A 38 -5.66 16.56 17.30
C GLU A 38 -5.33 16.70 15.81
N TYR A 39 -4.22 16.10 15.39
CA TYR A 39 -3.90 15.92 13.97
C TYR A 39 -3.15 14.60 13.79
N ALA A 40 -2.73 14.31 12.56
CA ALA A 40 -1.87 13.16 12.29
C ALA A 40 -0.61 13.62 11.56
N ALA A 41 0.55 13.25 12.09
CA ALA A 41 1.83 13.76 11.59
C ALA A 41 2.65 12.72 10.83
N MET A 42 2.97 13.03 9.58
CA MET A 42 3.88 12.20 8.83
C MET A 42 5.29 12.55 9.27
N ILE A 43 6.01 11.56 9.78
CA ILE A 43 7.38 11.81 10.16
C ILE A 43 8.26 11.26 9.07
N ILE A 44 8.79 12.16 8.27
CA ILE A 44 9.57 11.75 7.13
C ILE A 44 11.01 11.96 7.54
N ASN A 45 11.72 10.86 7.75
CA ASN A 45 13.08 10.94 8.22
C ASN A 45 13.92 11.69 7.22
N THR A 46 14.95 12.38 7.67
CA THR A 46 15.77 13.14 6.73
C THR A 46 16.45 12.25 5.70
N LYS A 47 16.33 10.93 5.86
CA LYS A 47 16.87 10.03 4.87
C LYS A 47 15.71 9.58 3.99
N LYS A 48 15.63 10.08 2.75
CA LYS A 48 14.49 9.68 1.92
C LYS A 48 14.90 8.94 0.65
N LEU A 49 15.13 9.63 -0.46
CA LEU A 49 16.11 9.18 -1.44
C LEU A 49 16.65 10.51 -1.92
N SER A 50 17.78 10.98 -1.38
CA SER A 50 18.35 12.21 -1.94
C SER A 50 17.23 13.01 -2.62
N ALA A 51 17.40 13.24 -3.92
CA ALA A 51 16.45 14.04 -4.71
C ALA A 51 15.06 13.46 -5.09
N ARG A 52 14.98 12.28 -5.70
CA ARG A 52 13.67 11.79 -6.17
C ARG A 52 12.60 11.86 -5.10
N ASP A 53 13.04 11.70 -3.87
CA ASP A 53 12.15 11.78 -2.74
C ASP A 53 11.76 13.21 -2.41
N HIS A 54 12.76 14.07 -2.23
CA HIS A 54 12.46 15.44 -1.83
C HIS A 54 11.47 16.06 -2.81
N GLN A 55 11.59 15.68 -4.08
CA GLN A 55 10.69 16.18 -5.10
C GLN A 55 9.25 15.78 -4.80
N LYS A 56 9.05 14.53 -4.40
CA LYS A 56 7.73 14.00 -4.09
C LYS A 56 7.16 14.53 -2.76
N LEU A 57 8.07 14.96 -1.89
CA LEU A 57 7.70 15.63 -0.65
C LEU A 57 6.89 16.87 -0.98
N GLU A 58 7.57 17.83 -1.60
CA GLU A 58 6.99 19.13 -1.93
C GLU A 58 5.80 19.00 -2.84
N ARG A 59 5.81 17.98 -3.69
CA ARG A 59 4.65 17.74 -4.53
C ARG A 59 3.48 17.31 -3.66
N GLU A 60 3.68 16.30 -2.82
CA GLU A 60 2.59 15.83 -1.99
C GLU A 60 2.07 16.95 -1.09
N ALA A 61 2.98 17.71 -0.49
CA ALA A 61 2.62 18.81 0.42
C ALA A 61 1.88 19.95 -0.26
N ARG A 62 2.27 20.22 -1.51
CA ARG A 62 1.64 21.25 -2.32
C ARG A 62 0.23 20.83 -2.70
N ILE A 63 0.12 19.64 -3.29
CA ILE A 63 -1.15 19.08 -3.70
C ILE A 63 -2.17 19.12 -2.56
N CYS A 64 -1.71 18.75 -1.36
CA CYS A 64 -2.59 18.67 -0.18
C CYS A 64 -2.91 20.03 0.41
N ARG A 65 -2.10 21.03 0.09
CA ARG A 65 -2.39 22.40 0.49
C ARG A 65 -3.50 22.89 -0.40
N LEU A 66 -3.49 22.39 -1.64
CA LEU A 66 -4.50 22.73 -2.63
C LEU A 66 -5.77 21.92 -2.48
N LEU A 67 -5.67 20.67 -2.03
CA LEU A 67 -6.86 19.87 -2.03
C LEU A 67 -7.56 20.08 -0.71
N LYS A 68 -8.65 20.83 -0.75
CA LYS A 68 -9.49 20.92 0.42
C LYS A 68 -10.90 20.51 -0.01
N HIS A 69 -11.25 19.28 0.34
CA HIS A 69 -12.55 18.70 0.04
C HIS A 69 -13.00 18.15 1.37
N PRO A 70 -14.31 18.11 1.59
CA PRO A 70 -14.87 17.56 2.83
C PRO A 70 -14.56 16.07 2.94
N ASN A 71 -14.39 15.41 1.79
CA ASN A 71 -14.06 13.99 1.73
C ASN A 71 -12.56 13.69 1.62
N ILE A 72 -11.72 14.73 1.66
CA ILE A 72 -10.26 14.53 1.63
C ILE A 72 -9.54 15.21 2.79
N VAL A 73 -8.67 14.44 3.45
CA VAL A 73 -7.89 14.95 4.56
C VAL A 73 -7.19 16.23 4.10
N ARG A 74 -7.33 17.28 4.88
CA ARG A 74 -6.69 18.53 4.53
C ARG A 74 -5.48 18.78 5.41
N LEU A 75 -4.43 19.33 4.82
CA LEU A 75 -3.20 19.54 5.55
C LEU A 75 -3.36 20.83 6.39
N HIS A 76 -2.36 21.13 7.22
CA HIS A 76 -2.42 22.33 8.07
C HIS A 76 -1.12 23.12 7.91
N ASP A 77 0.00 22.53 8.31
CA ASP A 77 1.30 23.04 7.88
C ASP A 77 2.31 21.91 7.60
N SER A 78 3.48 22.27 7.07
CA SER A 78 4.57 21.32 6.90
C SER A 78 5.86 21.89 7.46
N ILE A 79 6.33 21.30 8.56
CA ILE A 79 7.44 21.88 9.30
C ILE A 79 8.73 21.14 9.08
N SER A 80 9.81 21.88 8.86
CA SER A 80 11.10 21.23 8.71
C SER A 80 12.01 21.39 9.94
N GLU A 81 12.31 20.26 10.55
CA GLU A 81 13.23 20.21 11.69
C GLU A 81 14.60 19.72 11.27
N GLU A 82 15.51 19.61 12.22
CA GLU A 82 16.88 19.22 11.92
C GLU A 82 17.01 17.87 11.23
N GLY A 83 16.71 16.80 11.95
CA GLY A 83 16.91 15.46 11.44
C GLY A 83 15.62 14.85 10.95
N HIS A 84 14.60 15.68 10.84
CA HIS A 84 13.30 15.19 10.42
C HIS A 84 12.49 16.25 9.70
N HIS A 85 11.49 15.80 8.96
CA HIS A 85 10.48 16.69 8.45
C HIS A 85 9.09 16.19 8.88
N TYR A 86 8.17 17.13 9.09
CA TYR A 86 6.83 16.78 9.56
C TYR A 86 5.77 17.34 8.62
N LEU A 87 4.78 16.51 8.27
CA LEU A 87 3.65 16.96 7.48
C LEU A 87 2.37 16.72 8.25
N ILE A 88 1.66 17.78 8.61
CA ILE A 88 0.46 17.60 9.41
C ILE A 88 -0.80 17.90 8.62
N PHE A 89 -1.45 16.81 8.24
CA PHE A 89 -2.74 16.86 7.58
C PHE A 89 -3.74 16.53 8.67
N ASP A 90 -4.97 16.28 8.25
CA ASP A 90 -6.06 15.95 9.16
C ASP A 90 -5.98 14.51 9.73
N LEU A 91 -6.28 14.37 11.01
CA LEU A 91 -6.26 13.09 11.74
C LEU A 91 -7.50 12.23 11.55
N VAL A 92 -7.38 10.92 11.74
CA VAL A 92 -8.56 10.03 11.82
C VAL A 92 -8.32 8.78 12.64
N THR A 93 -9.37 8.26 13.30
CA THR A 93 -9.37 6.83 13.61
C THR A 93 -10.65 6.17 13.10
N GLY A 94 -10.59 5.64 11.87
CA GLY A 94 -11.70 4.91 11.27
C GLY A 94 -11.57 3.44 10.85
N GLY A 95 -10.35 2.91 10.87
CA GLY A 95 -10.10 1.64 10.22
C GLY A 95 -10.19 1.83 8.71
N GLU A 96 -9.84 0.79 7.96
CA GLU A 96 -9.99 0.82 6.50
C GLU A 96 -11.45 0.60 6.11
N LEU A 97 -11.82 1.03 4.91
CA LEU A 97 -13.20 0.85 4.46
C LEU A 97 -13.51 -0.60 4.10
N PHE A 98 -12.70 -1.21 3.24
CA PHE A 98 -12.88 -2.61 2.85
C PHE A 98 -12.84 -3.49 4.09
N GLU A 99 -12.31 -2.94 5.18
CA GLU A 99 -12.36 -3.62 6.47
C GLU A 99 -13.67 -3.40 7.22
N ASP A 100 -14.20 -2.18 7.17
CA ASP A 100 -15.46 -1.87 7.86
C ASP A 100 -16.64 -2.59 7.21
N ILE A 101 -16.66 -2.55 5.89
CA ILE A 101 -17.73 -3.15 5.11
C ILE A 101 -17.98 -4.61 5.48
N VAL A 102 -16.91 -5.40 5.60
CA VAL A 102 -17.08 -6.79 5.97
C VAL A 102 -17.77 -6.91 7.34
N ALA A 103 -17.48 -5.97 8.23
CA ALA A 103 -18.07 -5.97 9.56
C ALA A 103 -19.56 -5.62 9.52
N ARG A 104 -19.99 -5.06 8.39
CA ARG A 104 -21.38 -4.69 8.24
C ARG A 104 -22.25 -5.93 8.22
N GLU A 105 -23.41 -5.83 8.88
CA GLU A 105 -24.37 -6.91 8.77
C GLU A 105 -25.40 -6.71 7.62
N TYR A 106 -25.51 -5.51 7.05
CA TYR A 106 -26.31 -5.39 5.82
C TYR A 106 -25.56 -4.64 4.72
N TYR A 107 -25.13 -5.39 3.70
CA TYR A 107 -24.41 -4.82 2.56
C TYR A 107 -25.18 -5.05 1.28
N SER A 108 -25.44 -3.95 0.58
CA SER A 108 -26.35 -4.00 -0.54
C SER A 108 -25.83 -3.15 -1.67
N GLU A 109 -26.52 -3.18 -2.81
CA GLU A 109 -26.11 -2.33 -3.91
C GLU A 109 -26.18 -0.90 -3.41
N ALA A 110 -27.02 -0.64 -2.42
CA ALA A 110 -27.28 0.73 -1.97
C ALA A 110 -26.23 1.27 -1.01
N ASP A 111 -25.49 0.38 -0.36
CA ASP A 111 -24.36 0.79 0.45
C ASP A 111 -23.15 1.02 -0.45
N ALA A 112 -23.07 0.24 -1.52
CA ALA A 112 -21.96 0.37 -2.45
C ALA A 112 -22.08 1.64 -3.28
N SER A 113 -23.31 2.05 -3.56
CA SER A 113 -23.57 3.28 -4.32
C SER A 113 -23.30 4.49 -3.44
N HIS A 114 -23.46 4.29 -2.14
CA HIS A 114 -23.19 5.33 -1.18
C HIS A 114 -21.71 5.58 -1.06
N CYS A 115 -20.93 4.55 -1.37
CA CYS A 115 -19.47 4.63 -1.33
C CYS A 115 -18.93 5.31 -2.59
N ILE A 116 -19.17 4.69 -3.74
CA ILE A 116 -18.68 5.22 -5.02
C ILE A 116 -19.11 6.68 -5.24
N GLN A 117 -20.18 7.10 -4.59
CA GLN A 117 -20.62 8.48 -4.70
C GLN A 117 -19.62 9.41 -4.00
N GLN A 118 -19.32 9.14 -2.73
CA GLN A 118 -18.39 9.97 -1.96
C GLN A 118 -17.02 9.95 -2.62
N ILE A 119 -16.64 8.75 -3.07
CA ILE A 119 -15.41 8.55 -3.80
C ILE A 119 -15.35 9.51 -4.98
N LEU A 120 -16.29 9.36 -5.90
CA LEU A 120 -16.33 10.19 -7.09
C LEU A 120 -16.40 11.67 -6.71
N GLU A 121 -16.79 11.95 -5.47
CA GLU A 121 -16.88 13.33 -5.00
C GLU A 121 -15.50 13.94 -4.72
N ALA A 122 -14.63 13.16 -4.09
CA ALA A 122 -13.28 13.62 -3.84
C ALA A 122 -12.54 13.73 -5.16
N VAL A 123 -12.72 12.73 -6.02
CA VAL A 123 -12.07 12.68 -7.32
C VAL A 123 -12.42 13.87 -8.19
N LEU A 124 -13.71 14.12 -8.35
CA LEU A 124 -14.18 15.22 -9.20
C LEU A 124 -13.60 16.53 -8.73
N HIS A 125 -13.61 16.75 -7.42
CA HIS A 125 -13.07 17.99 -6.89
C HIS A 125 -11.70 18.27 -7.49
N CYS A 126 -10.76 17.38 -7.22
CA CYS A 126 -9.39 17.55 -7.68
C CYS A 126 -9.24 17.58 -9.21
N HIS A 127 -9.95 16.70 -9.92
CA HIS A 127 -9.92 16.72 -11.39
C HIS A 127 -10.26 18.12 -11.90
N GLN A 128 -11.08 18.84 -11.13
CA GLN A 128 -11.38 20.23 -11.41
C GLN A 128 -10.20 21.12 -11.02
N MET A 129 -9.37 20.63 -10.11
CA MET A 129 -8.21 21.38 -9.62
C MET A 129 -6.91 21.09 -10.39
N GLY A 130 -7.02 20.33 -11.47
CA GLY A 130 -5.88 20.05 -12.32
C GLY A 130 -4.88 19.16 -11.62
N VAL A 131 -5.38 18.10 -10.99
CA VAL A 131 -4.57 17.12 -10.29
C VAL A 131 -5.14 15.70 -10.41
N VAL A 132 -4.27 14.71 -10.64
CA VAL A 132 -4.68 13.30 -10.79
C VAL A 132 -3.99 12.42 -9.75
N HIS A 133 -4.76 11.58 -9.06
CA HIS A 133 -4.21 10.77 -7.97
C HIS A 133 -3.33 9.59 -8.41
N ARG A 134 -3.76 8.88 -9.46
CA ARG A 134 -3.02 7.80 -10.12
C ARG A 134 -2.85 6.54 -9.31
N ASN A 135 -3.00 6.65 -7.99
CA ASN A 135 -2.95 5.47 -7.16
C ASN A 135 -4.27 5.38 -6.42
N LEU A 136 -5.21 4.62 -6.97
CA LEU A 136 -6.51 4.53 -6.34
C LEU A 136 -6.69 3.08 -6.03
N LYS A 137 -7.04 2.79 -4.79
CA LYS A 137 -7.03 1.42 -4.36
C LYS A 137 -7.56 1.34 -2.94
N PRO A 138 -8.02 0.15 -2.56
CA PRO A 138 -8.64 -0.09 -1.25
C PRO A 138 -7.78 0.50 -0.13
N GLU A 139 -6.48 0.24 -0.17
CA GLU A 139 -5.59 0.73 0.85
C GLU A 139 -5.83 2.24 1.05
N ASN A 140 -5.82 2.95 -0.08
CA ASN A 140 -5.95 4.41 -0.12
C ASN A 140 -7.35 4.94 0.23
N LEU A 141 -8.30 4.03 0.47
CA LEU A 141 -9.66 4.40 0.83
C LEU A 141 -9.94 4.12 2.29
N LEU A 142 -10.21 5.17 3.08
CA LEU A 142 -10.38 5.01 4.52
C LEU A 142 -11.63 5.68 5.10
N LEU A 143 -11.96 5.35 6.35
CA LEU A 143 -13.15 5.88 7.01
C LEU A 143 -12.84 6.87 8.13
N ALA A 144 -13.43 8.06 8.01
CA ALA A 144 -13.11 9.17 8.90
C ALA A 144 -13.03 8.65 10.32
N SER A 145 -14.18 8.20 10.82
CA SER A 145 -14.23 7.60 12.13
C SER A 145 -14.93 6.26 12.04
N LYS A 146 -15.05 5.60 13.18
CA LYS A 146 -15.89 4.42 13.28
C LYS A 146 -17.27 4.89 13.69
N LEU A 147 -17.38 6.19 13.99
CA LEU A 147 -18.66 6.79 14.37
C LEU A 147 -19.63 6.69 13.20
N LYS A 148 -20.91 6.54 13.52
CA LYS A 148 -21.93 6.37 12.50
C LYS A 148 -21.90 7.46 11.44
N GLY A 149 -22.07 7.08 10.18
CA GLY A 149 -22.12 8.02 9.08
C GLY A 149 -20.78 8.66 8.78
N ALA A 150 -19.72 8.05 9.28
CA ALA A 150 -18.38 8.54 8.99
C ALA A 150 -18.18 8.54 7.49
N ALA A 151 -17.37 9.46 7.00
CA ALA A 151 -17.22 9.68 5.57
C ALA A 151 -16.04 8.93 5.02
N VAL A 152 -16.18 8.49 3.77
CA VAL A 152 -15.05 7.97 3.03
C VAL A 152 -14.16 9.15 2.67
N LYS A 153 -12.86 8.99 2.86
CA LYS A 153 -11.91 10.03 2.50
C LYS A 153 -10.80 9.48 1.62
N LEU A 154 -10.56 10.13 0.49
CA LEU A 154 -9.49 9.74 -0.41
C LEU A 154 -8.13 10.02 0.22
N ALA A 155 -7.20 9.08 0.04
CA ALA A 155 -5.88 9.21 0.63
C ALA A 155 -4.91 9.75 -0.41
N ASP A 156 -4.50 10.98 -0.21
CA ASP A 156 -3.68 11.64 -1.19
C ASP A 156 -2.23 11.20 -1.09
N PHE A 157 -1.76 10.53 -2.13
CA PHE A 157 -0.35 10.21 -2.30
C PHE A 157 -0.13 10.52 -3.78
N GLY A 158 1.04 10.98 -4.23
CA GLY A 158 2.33 10.51 -3.78
C GLY A 158 2.85 9.61 -4.93
N LEU A 159 1.93 9.09 -5.74
CA LEU A 159 2.12 9.11 -7.17
C LEU A 159 0.91 9.92 -7.52
N ALA A 160 1.13 11.22 -7.71
CA ALA A 160 0.09 12.22 -7.85
C ALA A 160 0.70 13.15 -8.87
N ILE A 161 0.00 14.18 -9.31
CA ILE A 161 0.52 14.96 -10.44
C ILE A 161 -0.34 16.17 -10.72
N GLU A 162 0.19 17.16 -11.44
CA GLU A 162 -0.65 18.28 -11.86
C GLU A 162 -0.74 18.43 -13.38
N VAL A 163 -1.91 18.11 -13.91
CA VAL A 163 -2.14 18.23 -15.35
C VAL A 163 -2.49 19.66 -15.74
N GLU A 164 -2.30 20.01 -17.01
CA GLU A 164 -2.72 21.32 -17.49
C GLU A 164 -4.06 21.27 -18.18
N GLY A 165 -5.07 21.86 -17.55
CA GLY A 165 -6.41 21.79 -18.08
C GLY A 165 -6.69 20.33 -18.34
N GLU A 166 -7.10 20.04 -19.57
CA GLU A 166 -7.37 18.67 -19.99
C GLU A 166 -6.23 17.99 -20.78
N GLN A 167 -5.10 18.68 -20.95
CA GLN A 167 -3.97 18.15 -21.72
C GLN A 167 -3.40 16.82 -21.20
N GLN A 168 -3.31 15.85 -22.10
CA GLN A 168 -2.81 14.51 -21.78
C GLN A 168 -1.32 14.42 -22.08
N ALA A 169 -0.58 13.73 -21.21
CA ALA A 169 0.88 13.63 -21.34
C ALA A 169 1.38 12.25 -20.90
N TRP A 170 2.69 12.03 -20.94
CA TRP A 170 3.25 10.84 -20.32
C TRP A 170 3.93 11.17 -18.98
N PHE A 171 3.26 10.80 -17.90
CA PHE A 171 3.69 11.12 -16.55
C PHE A 171 4.46 9.96 -15.90
N GLY A 172 4.72 8.94 -16.72
CA GLY A 172 5.58 7.86 -16.29
C GLY A 172 4.77 6.80 -15.59
N PHE A 173 5.41 5.68 -15.28
CA PHE A 173 4.72 4.44 -15.03
C PHE A 173 4.61 4.20 -13.54
N ALA A 174 3.40 4.31 -13.02
CA ALA A 174 3.17 4.36 -11.60
C ALA A 174 1.81 3.77 -11.24
N GLY A 175 1.65 3.41 -9.97
CA GLY A 175 0.41 2.80 -9.51
C GLY A 175 0.56 1.30 -9.33
N THR A 176 -0.54 0.65 -8.97
CA THR A 176 -0.55 -0.78 -8.70
C THR A 176 -1.05 -1.64 -9.85
N PRO A 177 -0.33 -2.72 -10.17
CA PRO A 177 -0.61 -3.50 -11.38
C PRO A 177 -2.10 -3.76 -11.63
N GLY A 178 -2.86 -4.07 -10.60
CA GLY A 178 -4.28 -4.31 -10.75
C GLY A 178 -5.07 -3.03 -10.97
N TYR A 179 -4.58 -1.95 -10.39
CA TYR A 179 -5.24 -0.65 -10.47
C TYR A 179 -4.77 0.23 -11.64
N LEU A 180 -3.97 -0.37 -12.53
CA LEU A 180 -3.44 0.35 -13.71
C LEU A 180 -4.34 0.30 -14.94
N SER A 181 -4.66 1.49 -15.47
CA SER A 181 -5.37 1.64 -16.74
C SER A 181 -4.53 1.15 -17.93
N PRO A 182 -5.20 0.80 -19.04
CA PRO A 182 -4.51 0.35 -20.24
C PRO A 182 -3.72 1.48 -20.92
N GLU A 183 -4.25 2.70 -20.93
CA GLU A 183 -3.53 3.77 -21.60
C GLU A 183 -2.14 3.90 -21.00
N VAL A 184 -2.01 3.61 -19.71
CA VAL A 184 -0.72 3.62 -19.03
C VAL A 184 0.10 2.36 -19.31
N LEU A 185 -0.57 1.21 -19.45
CA LEU A 185 0.13 -0.03 -19.79
C LEU A 185 0.59 -0.03 -21.25
N ARG A 186 -0.14 0.69 -22.10
CA ARG A 186 0.20 0.79 -23.53
C ARG A 186 1.35 1.76 -23.71
N LYS A 187 1.73 2.42 -22.63
CA LYS A 187 2.71 3.51 -22.68
C LYS A 187 2.27 4.61 -23.63
N ASP A 188 1.05 5.09 -23.42
CA ASP A 188 0.49 6.19 -24.20
C ASP A 188 0.28 7.36 -23.24
N PRO A 189 0.22 8.58 -23.76
CA PRO A 189 -0.07 9.71 -22.88
C PRO A 189 -1.38 9.50 -22.10
N TYR A 190 -1.48 10.06 -20.90
CA TYR A 190 -2.71 9.92 -20.13
C TYR A 190 -3.04 11.15 -19.29
N GLY A 191 -4.01 11.01 -18.40
CA GLY A 191 -4.53 12.15 -17.68
C GLY A 191 -5.57 11.70 -16.69
N LYS A 192 -6.47 12.61 -16.34
CA LYS A 192 -7.52 12.32 -15.37
C LYS A 192 -8.20 10.93 -15.51
N PRO A 193 -8.46 10.48 -16.76
CA PRO A 193 -9.09 9.18 -17.03
C PRO A 193 -8.50 7.99 -16.28
N VAL A 194 -7.18 7.95 -16.14
CA VAL A 194 -6.53 6.82 -15.48
C VAL A 194 -7.00 6.69 -14.04
N ASP A 195 -7.64 7.73 -13.55
CA ASP A 195 -8.30 7.69 -12.25
C ASP A 195 -9.68 7.04 -12.33
N LEU A 196 -10.42 7.34 -13.39
CA LEU A 196 -11.74 6.77 -13.56
C LEU A 196 -11.68 5.25 -13.71
N TRP A 197 -10.64 4.76 -14.39
CA TRP A 197 -10.51 3.33 -14.62
C TRP A 197 -10.29 2.58 -13.32
N ALA A 198 -9.61 3.22 -12.38
CA ALA A 198 -9.42 2.62 -11.08
C ALA A 198 -10.77 2.43 -10.39
N CYS A 199 -11.57 3.49 -10.33
CA CYS A 199 -12.88 3.43 -9.69
C CYS A 199 -13.70 2.25 -10.20
N GLY A 200 -13.57 2.01 -11.51
CA GLY A 200 -14.30 0.94 -12.17
C GLY A 200 -13.84 -0.43 -11.71
N VAL A 201 -12.54 -0.58 -11.47
CA VAL A 201 -12.00 -1.82 -10.92
C VAL A 201 -12.32 -1.89 -9.43
N ILE A 202 -12.57 -0.72 -8.87
CA ILE A 202 -12.96 -0.59 -7.47
C ILE A 202 -14.43 -0.90 -7.24
N LEU A 203 -15.31 -0.36 -8.08
CA LEU A 203 -16.73 -0.63 -7.96
C LEU A 203 -17.00 -2.13 -8.03
N TYR A 204 -16.39 -2.76 -9.03
CA TYR A 204 -16.54 -4.18 -9.31
C TYR A 204 -16.16 -5.04 -8.10
N ILE A 205 -15.17 -4.60 -7.33
CA ILE A 205 -14.84 -5.26 -6.07
C ILE A 205 -15.81 -4.81 -4.99
N LEU A 206 -16.32 -3.60 -5.15
CA LEU A 206 -17.30 -3.03 -4.23
C LEU A 206 -18.69 -3.67 -4.38
N LEU A 207 -18.84 -4.58 -5.34
CA LEU A 207 -20.06 -5.39 -5.44
C LEU A 207 -19.81 -6.87 -5.12
N VAL A 208 -19.10 -7.56 -6.01
CA VAL A 208 -18.92 -9.00 -5.88
C VAL A 208 -17.78 -9.38 -4.93
N GLY A 209 -16.91 -8.44 -4.59
CA GLY A 209 -15.88 -8.69 -3.61
C GLY A 209 -14.72 -9.52 -4.13
N TYR A 210 -14.52 -9.47 -5.45
CA TYR A 210 -13.31 -9.98 -6.08
C TYR A 210 -12.98 -9.05 -7.25
N PRO A 211 -11.70 -8.99 -7.64
CA PRO A 211 -11.29 -8.06 -8.70
C PRO A 211 -11.62 -8.54 -10.12
N PRO A 212 -11.82 -7.61 -11.06
CA PRO A 212 -12.12 -7.87 -12.47
C PRO A 212 -10.94 -8.48 -13.21
N PHE A 213 -9.74 -8.01 -12.92
CA PHE A 213 -8.56 -8.57 -13.54
C PHE A 213 -7.63 -9.16 -12.49
N TRP A 214 -7.00 -10.27 -12.87
CA TRP A 214 -5.85 -10.74 -12.12
C TRP A 214 -5.32 -12.04 -12.72
N ASP A 215 -4.03 -12.26 -12.53
CA ASP A 215 -3.35 -13.43 -13.00
C ASP A 215 -2.10 -13.47 -12.15
N GLU A 216 -1.49 -14.63 -12.00
CA GLU A 216 -0.26 -14.68 -11.21
C GLU A 216 0.92 -14.16 -12.04
N ASP A 217 0.93 -14.54 -13.31
CA ASP A 217 1.87 -13.98 -14.25
C ASP A 217 1.40 -12.54 -14.43
N GLN A 218 2.26 -11.59 -14.10
CA GLN A 218 1.84 -10.19 -14.15
C GLN A 218 1.85 -9.71 -15.60
N HIS A 219 2.58 -10.40 -16.44
CA HIS A 219 2.58 -10.10 -17.87
C HIS A 219 1.18 -10.35 -18.41
N ARG A 220 0.53 -11.37 -17.86
CA ARG A 220 -0.81 -11.77 -18.29
C ARG A 220 -1.87 -10.85 -17.70
N LEU A 221 -1.73 -10.50 -16.43
CA LEU A 221 -2.67 -9.58 -15.78
C LEU A 221 -2.77 -8.29 -16.58
N TYR A 222 -1.63 -7.87 -17.11
CA TYR A 222 -1.53 -6.62 -17.82
C TYR A 222 -2.20 -6.70 -19.18
N GLN A 223 -2.21 -7.92 -19.72
CA GLN A 223 -2.76 -8.17 -21.04
C GLN A 223 -4.27 -8.08 -20.96
N GLN A 224 -4.81 -8.70 -19.92
CA GLN A 224 -6.21 -8.56 -19.59
C GLN A 224 -6.51 -7.08 -19.40
N ILE A 225 -5.70 -6.39 -18.61
CA ILE A 225 -5.97 -4.98 -18.31
C ILE A 225 -5.83 -4.09 -19.55
N LYS A 226 -5.02 -4.52 -20.50
CA LYS A 226 -4.90 -3.86 -21.81
C LYS A 226 -5.99 -4.29 -22.79
N ALA A 227 -6.56 -5.48 -22.57
CA ALA A 227 -7.59 -6.02 -23.44
C ALA A 227 -9.00 -5.80 -22.93
N GLY A 228 -9.11 -5.19 -21.75
CA GLY A 228 -10.39 -5.05 -21.09
C GLY A 228 -11.11 -6.37 -20.91
N ALA A 229 -10.42 -7.40 -20.41
CA ALA A 229 -11.07 -8.69 -20.30
C ALA A 229 -11.60 -8.91 -18.89
N TYR A 230 -12.91 -8.71 -18.78
CA TYR A 230 -13.64 -8.89 -17.54
C TYR A 230 -14.99 -9.31 -18.02
N ASP A 231 -15.74 -9.95 -17.15
CA ASP A 231 -17.03 -10.45 -17.54
C ASP A 231 -17.78 -10.54 -16.26
N PHE A 232 -19.08 -10.76 -16.36
CA PHE A 232 -19.91 -10.78 -15.18
C PHE A 232 -20.42 -12.21 -15.04
N PRO A 233 -19.59 -13.04 -14.40
CA PRO A 233 -19.79 -14.47 -14.20
C PRO A 233 -21.03 -14.72 -13.34
N SER A 234 -21.91 -15.59 -13.81
CA SER A 234 -23.11 -15.96 -13.07
C SER A 234 -22.69 -16.96 -12.00
N PRO A 235 -23.49 -17.13 -10.95
CA PRO A 235 -24.73 -16.50 -10.44
C PRO A 235 -24.55 -15.12 -9.79
N GLU A 236 -23.38 -14.85 -9.21
CA GLU A 236 -23.25 -13.70 -8.32
C GLU A 236 -23.63 -12.38 -8.94
N TRP A 237 -23.48 -12.29 -10.26
CA TRP A 237 -23.75 -11.05 -10.98
C TRP A 237 -25.19 -11.01 -11.48
N ASP A 238 -25.91 -12.11 -11.26
CA ASP A 238 -27.26 -12.23 -11.76
C ASP A 238 -28.20 -11.38 -10.92
N THR A 239 -27.85 -11.22 -9.66
CA THR A 239 -28.69 -10.49 -8.72
C THR A 239 -28.33 -8.99 -8.76
N VAL A 240 -27.43 -8.63 -9.67
CA VAL A 240 -26.94 -7.25 -9.78
C VAL A 240 -27.69 -6.41 -10.82
N THR A 241 -28.19 -5.25 -10.41
CA THR A 241 -28.93 -4.37 -11.31
C THR A 241 -28.11 -4.11 -12.58
N PRO A 242 -28.78 -4.10 -13.75
CA PRO A 242 -28.08 -3.81 -14.99
C PRO A 242 -27.53 -2.39 -15.06
N GLU A 243 -28.01 -1.52 -14.18
CA GLU A 243 -27.45 -0.17 -14.06
C GLU A 243 -26.05 -0.26 -13.45
N ALA A 244 -25.94 -1.02 -12.37
CA ALA A 244 -24.64 -1.28 -11.77
C ALA A 244 -23.72 -1.66 -12.91
N LYS A 245 -24.03 -2.77 -13.58
CA LYS A 245 -23.19 -3.25 -14.66
C LYS A 245 -22.98 -2.21 -15.75
N ASP A 246 -23.88 -1.25 -15.88
CA ASP A 246 -23.72 -0.21 -16.89
C ASP A 246 -22.59 0.74 -16.53
N LEU A 247 -22.62 1.30 -15.33
CA LEU A 247 -21.57 2.22 -14.93
C LEU A 247 -20.25 1.51 -15.16
N ILE A 248 -20.15 0.31 -14.62
CA ILE A 248 -18.94 -0.48 -14.68
C ILE A 248 -18.36 -0.56 -16.10
N ASN A 249 -19.23 -0.61 -17.10
CA ASN A 249 -18.78 -0.65 -18.49
C ASN A 249 -18.32 0.71 -18.97
N LYS A 250 -18.84 1.76 -18.34
CA LYS A 250 -18.51 3.13 -18.73
C LYS A 250 -17.15 3.56 -18.19
N MET A 251 -16.79 3.08 -17.00
CA MET A 251 -15.50 3.38 -16.41
C MET A 251 -14.41 2.51 -17.00
N LEU A 252 -14.78 1.26 -17.25
CA LEU A 252 -13.88 0.18 -17.64
C LEU A 252 -13.64 0.20 -19.16
N THR A 253 -14.02 1.34 -19.76
CA THR A 253 -13.75 1.63 -21.17
C THR A 253 -12.26 1.80 -21.49
N ILE A 254 -11.79 1.02 -22.45
CA ILE A 254 -10.40 0.98 -22.87
C ILE A 254 -9.89 2.33 -23.40
N ASN A 255 -10.67 2.98 -24.26
CA ASN A 255 -10.30 4.28 -24.80
C ASN A 255 -10.61 5.41 -23.82
N PRO A 256 -9.58 6.08 -23.30
CA PRO A 256 -9.78 7.12 -22.28
C PRO A 256 -10.64 8.30 -22.77
N SER A 257 -10.62 8.56 -24.07
CA SER A 257 -11.36 9.68 -24.63
C SER A 257 -12.86 9.36 -24.63
N LYS A 258 -13.14 8.07 -24.69
CA LYS A 258 -14.52 7.61 -24.64
C LYS A 258 -14.94 7.31 -23.21
N ARG A 259 -13.97 7.24 -22.31
CA ARG A 259 -14.22 6.91 -20.90
C ARG A 259 -15.04 7.96 -20.17
N ILE A 260 -16.06 7.49 -19.44
CA ILE A 260 -16.94 8.37 -18.67
C ILE A 260 -16.11 9.25 -17.75
N THR A 261 -16.37 10.56 -17.77
CA THR A 261 -15.63 11.46 -16.91
C THR A 261 -16.14 11.27 -15.49
N ALA A 262 -15.50 11.92 -14.52
CA ALA A 262 -15.94 11.81 -13.15
C ALA A 262 -17.22 12.61 -12.96
N ALA A 263 -17.31 13.72 -13.69
CA ALA A 263 -18.50 14.57 -13.63
C ALA A 263 -19.71 13.79 -14.14
N GLU A 264 -19.50 13.03 -15.20
CA GLU A 264 -20.57 12.24 -15.80
C GLU A 264 -21.01 11.10 -14.89
N ALA A 265 -20.08 10.56 -14.12
CA ALA A 265 -20.36 9.37 -13.30
C ALA A 265 -21.19 9.69 -12.06
N LEU A 266 -21.20 10.96 -11.68
CA LEU A 266 -22.01 11.40 -10.55
C LEU A 266 -23.45 11.61 -10.95
N LYS A 267 -23.64 12.20 -12.13
CA LYS A 267 -24.97 12.47 -12.66
C LYS A 267 -25.72 11.19 -12.95
N HIS A 268 -25.11 10.29 -13.73
CA HIS A 268 -25.70 8.98 -13.88
C HIS A 268 -25.64 8.38 -12.49
N PRO A 269 -26.80 8.23 -11.85
CA PRO A 269 -26.93 7.63 -10.53
C PRO A 269 -27.38 6.17 -10.50
N TRP A 270 -26.62 5.18 -10.93
CA TRP A 270 -27.00 3.83 -10.51
C TRP A 270 -26.71 3.88 -9.03
N ILE A 271 -26.11 4.99 -8.62
CA ILE A 271 -25.73 5.24 -7.23
C ILE A 271 -26.74 6.11 -6.49
N SER A 272 -26.94 7.34 -6.98
CA SER A 272 -27.85 8.27 -6.32
C SER A 272 -29.32 7.87 -6.44
N HIS A 273 -29.74 7.48 -7.65
CA HIS A 273 -31.10 7.00 -7.90
C HIS A 273 -31.39 5.53 -7.60
N ARG A 274 -30.37 4.67 -7.64
CA ARG A 274 -30.56 3.30 -7.21
C ARG A 274 -30.41 3.22 -5.69
N SER A 275 -29.76 4.24 -5.13
CA SER A 275 -29.89 4.55 -3.72
C SER A 275 -31.39 4.71 -3.53
N THR A 276 -31.97 5.43 -4.48
CA THR A 276 -33.41 5.56 -4.60
C THR A 276 -34.03 4.27 -5.17
N VAL A 277 -33.51 3.76 -6.29
CA VAL A 277 -34.07 2.54 -6.88
C VAL A 277 -33.41 1.11 -6.90
N ALA A 278 -32.23 0.85 -6.32
CA ALA A 278 -31.56 -0.48 -6.53
C ALA A 278 -31.74 -1.67 -5.55
N SER A 279 -31.02 -2.77 -5.80
CA SER A 279 -31.11 -3.98 -4.97
C SER A 279 -30.40 -3.87 -3.63
N CYS A 280 -31.15 -4.09 -2.55
CA CYS A 280 -30.57 -4.10 -1.21
C CYS A 280 -30.28 -5.48 -0.64
N MET A 281 -30.59 -6.56 -1.35
CA MET A 281 -30.43 -7.88 -0.75
C MET A 281 -29.01 -8.06 -0.19
N HIS A 282 -28.91 -8.35 1.10
CA HIS A 282 -27.63 -8.39 1.76
C HIS A 282 -26.91 -9.57 1.14
N ARG A 283 -25.77 -9.32 0.53
CA ARG A 283 -25.09 -10.41 -0.13
C ARG A 283 -23.99 -10.82 0.82
N GLN A 284 -24.20 -11.95 1.50
CA GLN A 284 -23.29 -12.33 2.58
C GLN A 284 -22.08 -13.02 1.99
N GLU A 285 -22.31 -13.80 0.94
CA GLU A 285 -21.23 -14.48 0.26
C GLU A 285 -20.22 -13.49 -0.31
N THR A 286 -20.69 -12.46 -1.02
CA THR A 286 -19.78 -11.45 -1.55
C THR A 286 -18.93 -10.86 -0.44
N VAL A 287 -19.58 -10.54 0.66
CA VAL A 287 -18.91 -9.87 1.76
C VAL A 287 -17.79 -10.77 2.26
N ASP A 288 -18.08 -12.06 2.39
CA ASP A 288 -17.07 -13.02 2.85
C ASP A 288 -15.86 -13.06 1.92
N CYS A 289 -16.09 -13.32 0.64
CA CYS A 289 -15.03 -13.33 -0.35
C CYS A 289 -14.17 -12.08 -0.21
N LEU A 290 -14.86 -10.95 -0.14
CA LEU A 290 -14.23 -9.66 0.04
C LEU A 290 -13.20 -9.71 1.17
N LYS A 291 -13.68 -9.98 2.38
CA LYS A 291 -12.82 -10.08 3.56
C LYS A 291 -11.59 -10.95 3.29
N LYS A 292 -11.81 -12.10 2.68
CA LYS A 292 -10.71 -13.02 2.35
C LYS A 292 -9.67 -12.34 1.44
N PHE A 293 -10.13 -11.80 0.33
CA PHE A 293 -9.28 -11.07 -0.59
C PHE A 293 -8.43 -10.05 0.18
N ASN A 294 -9.09 -9.27 1.03
CA ASN A 294 -8.41 -8.26 1.83
C ASN A 294 -7.21 -8.81 2.59
N ALA A 295 -7.44 -9.84 3.39
CA ALA A 295 -6.36 -10.46 4.14
C ALA A 295 -5.23 -10.88 3.20
N ARG A 296 -5.60 -11.50 2.09
CA ARG A 296 -4.61 -11.95 1.12
C ARG A 296 -3.73 -10.80 0.63
N ARG A 297 -4.36 -9.74 0.12
CA ARG A 297 -3.64 -8.57 -0.39
C ARG A 297 -2.79 -7.89 0.67
N LYS A 298 -3.23 -7.94 1.92
CA LYS A 298 -2.46 -7.38 3.01
C LYS A 298 -1.16 -8.17 3.16
N LEU A 299 -1.26 -9.48 3.15
CA LEU A 299 -0.11 -10.36 3.28
C LEU A 299 0.68 -10.49 1.96
N LYS A 300 -0.05 -10.56 0.85
CA LYS A 300 0.57 -10.71 -0.47
C LYS A 300 1.11 -9.39 -1.02
N GLY A 301 0.41 -8.30 -0.75
CA GLY A 301 0.78 -7.00 -1.26
C GLY A 301 1.99 -6.45 -0.52
N ALA A 302 2.65 -7.36 0.20
CA ALA A 302 3.71 -7.05 1.14
C ALA A 302 4.80 -6.14 0.57
N ILE A 303 5.40 -6.57 -0.54
CA ILE A 303 6.47 -5.80 -1.16
C ILE A 303 6.61 -6.06 -2.65
N LEU A 304 7.10 -5.07 -3.38
CA LEU A 304 7.37 -5.20 -4.81
C LEU A 304 8.83 -5.58 -5.15
N THR A 305 9.63 -5.90 -4.12
CA THR A 305 11.03 -6.34 -4.29
C THR A 305 11.27 -7.86 -4.44
N VAL A 306 10.19 -8.63 -4.63
CA VAL A 306 10.24 -10.09 -4.78
C VAL A 306 10.35 -10.66 -6.22
N MET A 307 11.47 -11.32 -6.53
CA MET A 307 11.68 -11.92 -7.87
C MET A 307 11.85 -13.45 -7.86
N LEU A 308 11.01 -14.17 -8.61
CA LEU A 308 11.05 -15.63 -8.60
C LEU A 308 10.00 -16.20 -9.52
N ALA A 309 9.95 -17.52 -9.63
CA ALA A 309 8.89 -18.16 -10.40
C ALA A 309 8.24 -19.30 -9.61
N THR A 310 6.93 -19.19 -9.36
CA THR A 310 6.18 -20.28 -8.72
C THR A 310 4.84 -20.47 -9.42
N ARG A 311 4.10 -21.49 -8.99
CA ARG A 311 2.72 -21.68 -9.43
C ARG A 311 1.83 -21.94 -8.21
N ASN A 312 1.07 -20.94 -7.77
CA ASN A 312 0.07 -21.12 -6.71
C ASN A 312 0.48 -22.15 -5.66
N PHE A 313 1.51 -21.86 -4.87
CA PHE A 313 1.97 -22.84 -3.88
C PHE A 313 1.28 -22.71 -2.54
N SER A 314 1.62 -23.62 -1.64
CA SER A 314 0.93 -23.70 -0.36
C SER A 314 0.98 -22.32 0.25
N VAL A 315 -0.17 -21.85 0.70
CA VAL A 315 -0.29 -20.53 1.28
C VAL A 315 0.68 -20.40 2.44
N ARG A 316 1.11 -21.55 2.97
CA ARG A 316 2.04 -21.54 4.10
C ARG A 316 3.43 -21.17 3.64
N LYS A 317 3.71 -21.37 2.35
CA LYS A 317 4.92 -20.82 1.75
C LYS A 317 4.76 -19.31 1.59
N GLN A 318 3.63 -18.88 1.06
CA GLN A 318 3.39 -17.45 0.86
C GLN A 318 3.43 -16.69 2.18
N GLU A 319 3.15 -17.39 3.28
CA GLU A 319 3.20 -16.80 4.60
C GLU A 319 4.64 -16.66 5.09
N ILE A 320 5.43 -17.70 4.87
CA ILE A 320 6.84 -17.76 5.30
C ILE A 320 7.77 -16.90 4.45
N ILE A 321 7.33 -16.58 3.23
CA ILE A 321 7.98 -15.54 2.47
C ILE A 321 7.68 -14.21 3.16
N LYS A 322 6.41 -13.91 3.39
CA LYS A 322 6.02 -12.62 3.98
C LYS A 322 6.82 -12.30 5.23
N VAL A 323 7.10 -13.35 6.01
CA VAL A 323 7.88 -13.27 7.24
C VAL A 323 9.37 -12.92 7.00
N THR A 324 10.04 -13.73 6.18
CA THR A 324 11.42 -13.49 5.82
C THR A 324 11.48 -12.00 5.51
N GLU A 325 10.49 -11.54 4.75
CA GLU A 325 10.38 -10.16 4.31
C GLU A 325 10.22 -9.17 5.46
N GLN A 326 9.32 -9.48 6.37
CA GLN A 326 9.07 -8.63 7.52
C GLN A 326 10.35 -8.41 8.32
N LEU A 327 11.19 -9.44 8.35
CA LEU A 327 12.46 -9.41 9.09
C LEU A 327 13.49 -8.49 8.46
N ILE A 328 13.66 -8.64 7.16
CA ILE A 328 14.62 -7.84 6.42
C ILE A 328 14.23 -6.37 6.42
N GLU A 329 12.94 -6.10 6.58
CA GLU A 329 12.43 -4.72 6.69
C GLU A 329 12.86 -4.11 8.01
N ALA A 330 12.80 -4.90 9.08
CA ALA A 330 13.22 -4.47 10.41
C ALA A 330 14.70 -4.17 10.41
N ILE A 331 15.47 -5.04 9.79
CA ILE A 331 16.91 -4.86 9.65
C ILE A 331 17.27 -3.48 9.07
N SER A 332 16.83 -3.22 7.84
CA SER A 332 17.09 -1.95 7.19
C SER A 332 16.60 -0.70 7.95
N ASN A 333 15.42 -0.78 8.57
CA ASN A 333 14.81 0.39 9.21
C ASN A 333 15.50 0.75 10.54
N GLY A 334 16.18 -0.24 11.11
CA GLY A 334 16.86 -0.09 12.39
C GLY A 334 15.93 -0.46 13.53
N ASP A 335 14.90 -1.25 13.22
CA ASP A 335 13.84 -1.53 14.18
C ASP A 335 14.30 -2.76 14.91
N PHE A 336 14.72 -2.54 16.15
CA PHE A 336 15.18 -3.62 17.01
C PHE A 336 14.07 -4.34 17.76
N GLU A 337 13.11 -3.57 18.27
CA GLU A 337 11.97 -4.17 18.97
C GLU A 337 11.43 -5.31 18.13
N SER A 338 11.20 -5.01 16.86
CA SER A 338 10.63 -5.97 15.91
C SER A 338 11.64 -7.08 15.59
N TYR A 339 12.92 -6.78 15.75
CA TYR A 339 13.91 -7.78 15.43
C TYR A 339 13.97 -8.89 16.47
N THR A 340 13.83 -8.53 17.75
CA THR A 340 13.83 -9.48 18.85
C THR A 340 12.57 -10.36 18.88
N LYS A 341 11.45 -9.78 18.48
CA LYS A 341 10.19 -10.51 18.36
C LYS A 341 10.33 -11.68 17.39
N MET A 342 10.90 -11.45 16.21
CA MET A 342 10.98 -12.47 15.16
C MET A 342 12.15 -13.42 15.34
N CYS A 343 13.00 -13.14 16.31
CA CYS A 343 14.18 -13.96 16.53
C CYS A 343 14.15 -14.68 17.88
N ASP A 344 14.59 -15.94 17.87
CA ASP A 344 14.70 -16.73 19.08
C ASP A 344 15.76 -16.12 19.97
N PRO A 345 15.45 -15.99 21.25
CA PRO A 345 16.44 -15.53 22.23
C PRO A 345 17.65 -16.44 22.27
N GLY A 346 17.53 -17.62 21.66
CA GLY A 346 18.64 -18.56 21.54
C GLY A 346 19.16 -18.72 20.12
N MET A 347 18.82 -17.80 19.24
CA MET A 347 19.28 -17.77 17.84
C MET A 347 20.80 -17.87 17.62
N THR A 348 21.23 -18.62 16.62
CA THR A 348 22.66 -18.70 16.30
C THR A 348 22.98 -18.23 14.87
N ALA A 349 23.92 -17.29 14.77
CA ALA A 349 24.33 -16.81 13.46
C ALA A 349 25.62 -17.49 13.00
N PHE A 350 25.90 -17.31 11.74
CA PHE A 350 27.19 -17.60 11.18
C PHE A 350 27.34 -16.40 10.25
N GLU A 351 28.24 -15.47 10.53
CA GLU A 351 28.31 -14.32 9.64
C GLU A 351 29.66 -13.66 9.45
N PRO A 352 29.86 -13.04 8.29
CA PRO A 352 31.13 -12.39 7.96
C PRO A 352 31.66 -11.53 9.09
N GLU A 353 30.78 -10.83 9.81
CA GLU A 353 31.21 -10.03 10.96
C GLU A 353 31.61 -10.96 12.11
N ALA A 354 31.23 -12.23 12.02
CA ALA A 354 31.54 -13.22 13.07
C ALA A 354 32.99 -13.60 12.97
N LEU A 355 33.61 -13.26 11.85
CA LEU A 355 34.98 -13.65 11.56
C LEU A 355 35.20 -15.17 11.62
N GLY A 356 34.19 -15.92 11.20
CA GLY A 356 34.28 -17.37 11.10
C GLY A 356 33.80 -18.16 12.29
N ASN A 357 33.12 -17.50 13.23
CA ASN A 357 32.68 -18.16 14.46
C ASN A 357 31.17 -18.23 14.49
N LEU A 358 30.62 -19.20 15.24
CA LEU A 358 29.17 -19.31 15.47
C LEU A 358 28.77 -18.51 16.73
N VAL A 359 27.70 -17.71 16.69
CA VAL A 359 27.33 -16.84 17.82
C VAL A 359 25.91 -17.07 18.43
N GLU A 360 25.70 -16.70 19.72
CA GLU A 360 24.32 -16.59 20.31
C GLU A 360 23.66 -15.23 19.94
N GLY A 361 22.51 -15.29 19.27
CA GLY A 361 21.91 -14.17 18.56
C GLY A 361 21.71 -12.83 19.24
N LEU A 362 21.33 -12.88 20.50
CA LEU A 362 20.89 -11.68 21.21
C LEU A 362 22.03 -10.91 21.89
N ASP A 363 23.27 -11.31 21.58
CA ASP A 363 24.48 -10.65 22.07
C ASP A 363 25.11 -9.78 20.97
N PHE A 364 25.45 -10.48 19.88
CA PHE A 364 26.17 -9.94 18.73
C PHE A 364 25.47 -8.79 17.99
N HIS A 365 24.22 -9.00 17.60
CA HIS A 365 23.57 -8.03 16.71
C HIS A 365 23.23 -6.70 17.35
N ARG A 366 23.16 -6.67 18.67
CA ARG A 366 22.76 -5.44 19.31
C ARG A 366 23.60 -4.33 18.72
N PHE A 367 24.88 -4.61 18.54
CA PHE A 367 25.81 -3.55 18.16
C PHE A 367 25.30 -2.81 16.93
N TYR A 368 24.84 -3.56 15.93
CA TYR A 368 24.46 -3.00 14.63
C TYR A 368 23.23 -2.12 14.64
N PHE A 369 22.24 -2.54 15.40
CA PHE A 369 21.04 -1.74 15.54
C PHE A 369 21.32 -0.62 16.54
N GLU A 370 22.53 -0.59 17.07
CA GLU A 370 22.84 0.42 18.07
C GLU A 370 23.51 1.59 17.37
N ASN A 371 24.80 1.55 17.07
CA ASN A 371 25.27 2.51 16.08
C ASN A 371 26.12 1.82 15.09
N LEU A 372 25.49 1.45 13.98
CA LEU A 372 26.22 0.92 12.86
C LEU A 372 25.67 1.39 11.52
N TRP A 373 24.66 0.65 11.08
CA TRP A 373 23.82 1.02 9.96
C TRP A 373 22.43 1.49 10.38
N SER A 374 22.10 1.45 11.66
CA SER A 374 20.72 1.70 12.03
C SER A 374 20.42 3.15 11.71
N ARG A 375 19.44 3.36 10.84
CA ARG A 375 19.10 4.69 10.38
C ARG A 375 20.32 5.54 10.04
N ASN A 376 21.21 5.03 9.18
CA ASN A 376 22.44 5.75 8.90
C ASN A 376 22.27 6.99 7.98
N SER A 377 22.12 6.84 6.67
CA SER A 377 21.82 8.00 5.83
C SER A 377 20.78 7.76 4.71
N LYS A 378 21.17 6.86 3.81
CA LYS A 378 20.54 6.71 2.49
C LYS A 378 19.75 5.38 2.34
N PRO A 379 18.74 5.36 1.45
CA PRO A 379 18.02 4.11 1.27
C PRO A 379 18.87 3.10 0.54
N VAL A 380 18.86 1.88 1.06
CA VAL A 380 19.49 0.80 0.36
C VAL A 380 18.40 -0.14 -0.11
N HIS A 381 18.15 -0.12 -1.41
CA HIS A 381 17.04 -0.90 -1.94
C HIS A 381 17.42 -2.38 -1.99
N THR A 382 16.63 -3.20 -1.31
CA THR A 382 16.99 -4.60 -1.19
C THR A 382 16.22 -5.47 -2.17
N THR A 383 16.94 -6.30 -2.90
CA THR A 383 16.35 -7.19 -3.87
C THR A 383 16.58 -8.61 -3.40
N ILE A 384 15.58 -9.46 -3.57
CA ILE A 384 15.69 -10.83 -3.12
C ILE A 384 15.41 -11.74 -4.29
N LEU A 385 16.41 -12.50 -4.71
CA LEU A 385 16.29 -13.29 -5.92
C LEU A 385 16.07 -14.77 -5.63
N ASN A 386 15.35 -15.43 -6.53
CA ASN A 386 15.23 -16.88 -6.52
C ASN A 386 15.22 -17.47 -5.12
N PRO A 387 14.33 -16.97 -4.23
CA PRO A 387 14.27 -17.68 -2.97
C PRO A 387 13.84 -19.11 -3.21
N HIS A 388 14.12 -19.98 -2.26
CA HIS A 388 13.78 -21.38 -2.36
C HIS A 388 13.39 -21.80 -0.94
N ILE A 389 12.32 -22.58 -0.79
CA ILE A 389 11.85 -22.92 0.56
C ILE A 389 11.69 -24.40 0.82
N HIS A 390 12.22 -24.85 1.96
CA HIS A 390 12.00 -26.23 2.38
C HIS A 390 10.99 -26.27 3.51
N LEU A 391 9.92 -27.05 3.33
CA LEU A 391 8.93 -27.27 4.39
C LEU A 391 9.11 -28.65 5.04
N MET A 392 9.48 -28.70 6.31
CA MET A 392 9.57 -29.97 7.03
C MET A 392 8.53 -29.96 8.15
N GLY A 393 7.42 -30.66 7.89
CA GLY A 393 6.35 -30.75 8.85
C GLY A 393 5.75 -29.39 9.13
N ASP A 394 4.75 -29.41 10.00
CA ASP A 394 3.91 -28.25 10.31
C ASP A 394 4.60 -27.08 10.99
N GLU A 395 5.55 -27.37 11.88
CA GLU A 395 6.13 -26.30 12.70
C GLU A 395 7.48 -25.75 12.25
N SER A 396 8.08 -26.31 11.21
CA SER A 396 9.43 -25.91 10.84
C SER A 396 9.61 -25.62 9.35
N ALA A 397 10.68 -24.90 9.01
CA ALA A 397 10.95 -24.51 7.63
C ALA A 397 12.23 -23.72 7.55
N CYS A 398 12.78 -23.61 6.35
CA CYS A 398 14.07 -22.96 6.16
C CYS A 398 14.06 -22.34 4.78
N ILE A 399 14.67 -21.18 4.63
CA ILE A 399 14.59 -20.49 3.35
C ILE A 399 15.93 -19.96 2.86
N ALA A 400 16.26 -20.26 1.62
CA ALA A 400 17.56 -19.91 1.06
C ALA A 400 17.41 -18.96 -0.11
N TYR A 401 18.12 -17.84 -0.06
CA TYR A 401 17.94 -16.80 -1.07
C TYR A 401 19.20 -15.94 -1.23
N ILE A 402 19.23 -15.16 -2.30
CA ILE A 402 20.32 -14.23 -2.56
C ILE A 402 19.79 -12.81 -2.42
N ARG A 403 20.32 -12.06 -1.46
CA ARG A 403 19.89 -10.69 -1.24
C ARG A 403 20.88 -9.67 -1.81
N ILE A 404 20.43 -8.90 -2.80
CA ILE A 404 21.25 -7.87 -3.44
C ILE A 404 20.83 -6.50 -2.92
N THR A 405 21.80 -5.68 -2.53
CA THR A 405 21.55 -4.48 -1.73
C THR A 405 22.16 -3.22 -2.36
N GLN A 406 21.31 -2.29 -2.78
CA GLN A 406 21.78 -1.08 -3.47
C GLN A 406 21.88 0.13 -2.57
N TYR A 407 23.10 0.56 -2.27
CA TYR A 407 23.28 1.62 -1.28
C TYR A 407 24.21 2.72 -1.74
N LEU A 408 24.21 3.81 -0.98
CA LEU A 408 25.19 4.87 -1.17
C LEU A 408 26.35 4.68 -0.18
N ASP A 409 27.58 4.64 -0.67
CA ASP A 409 28.74 4.51 0.22
C ASP A 409 29.16 5.86 0.79
N ALA A 410 30.27 5.89 1.51
CA ALA A 410 30.71 7.13 2.12
C ALA A 410 30.89 8.24 1.11
N GLY A 411 31.53 7.90 -0.01
CA GLY A 411 31.82 8.88 -1.04
C GLY A 411 30.52 9.48 -1.49
N GLY A 412 29.43 8.76 -1.26
CA GLY A 412 28.14 9.13 -1.76
C GLY A 412 27.84 8.34 -3.03
N ILE A 413 28.87 7.75 -3.64
CA ILE A 413 28.71 6.84 -4.77
C ILE A 413 27.87 5.68 -4.25
N PRO A 414 27.00 5.12 -5.11
CA PRO A 414 26.21 3.89 -5.01
C PRO A 414 27.05 2.66 -5.20
N ARG A 415 26.81 1.62 -4.43
CA ARG A 415 27.39 0.32 -4.76
C ARG A 415 26.34 -0.77 -4.62
N THR A 416 26.66 -1.95 -5.13
CA THR A 416 25.81 -3.11 -4.98
C THR A 416 26.54 -4.16 -4.18
N ALA A 417 25.82 -4.94 -3.38
CA ALA A 417 26.45 -6.06 -2.70
C ALA A 417 25.51 -7.23 -2.64
N GLN A 418 26.04 -8.43 -2.87
CA GLN A 418 25.20 -9.61 -2.92
C GLN A 418 25.65 -10.56 -1.85
N SER A 419 24.70 -11.03 -1.05
CA SER A 419 25.00 -11.97 0.02
C SER A 419 24.08 -13.18 -0.06
N GLU A 420 24.64 -14.37 0.13
CA GLU A 420 23.82 -15.58 0.24
C GLU A 420 23.37 -15.79 1.68
N GLU A 421 22.06 -15.96 1.88
CA GLU A 421 21.53 -16.11 3.23
C GLU A 421 20.67 -17.35 3.33
N THR A 422 20.77 -18.04 4.46
CA THR A 422 19.87 -19.11 4.80
C THR A 422 19.22 -18.66 6.07
N ARG A 423 17.92 -18.87 6.20
CA ARG A 423 17.27 -18.59 7.46
C ARG A 423 16.48 -19.81 7.85
N VAL A 424 16.37 -20.05 9.15
CA VAL A 424 15.69 -21.24 9.64
C VAL A 424 14.61 -20.86 10.63
N TRP A 425 13.41 -21.34 10.36
CA TRP A 425 12.21 -20.93 11.06
C TRP A 425 11.57 -22.05 11.84
N HIS A 426 11.17 -21.73 13.06
CA HIS A 426 10.50 -22.64 13.96
C HIS A 426 9.25 -21.89 14.38
N ARG A 427 8.08 -22.52 14.29
CA ARG A 427 6.90 -21.86 14.83
C ARG A 427 6.75 -22.35 16.25
N ARG A 428 6.91 -21.44 17.21
CA ARG A 428 6.54 -21.72 18.60
C ARG A 428 5.54 -20.69 19.12
N ASP A 429 4.42 -21.19 19.62
CA ASP A 429 3.29 -20.38 20.01
C ASP A 429 2.76 -19.54 18.85
N GLY A 430 2.35 -20.24 17.80
CA GLY A 430 1.58 -19.71 16.69
C GLY A 430 2.38 -18.74 15.86
N LYS A 431 3.53 -18.40 16.41
CA LYS A 431 4.42 -17.39 15.88
C LYS A 431 5.62 -18.11 15.30
N TRP A 432 6.08 -17.68 14.13
CA TRP A 432 7.33 -18.18 13.59
C TRP A 432 8.49 -17.48 14.28
N GLN A 433 9.56 -18.20 14.56
CA GLN A 433 10.74 -17.58 15.18
C GLN A 433 12.02 -17.93 14.40
N ILE A 434 12.98 -17.02 14.29
CA ILE A 434 14.23 -17.38 13.63
C ILE A 434 15.10 -18.08 14.64
N VAL A 435 15.82 -19.10 14.21
CA VAL A 435 16.60 -19.92 15.12
C VAL A 435 18.07 -19.92 14.69
N HIS A 436 18.32 -20.34 13.45
CA HIS A 436 19.64 -20.23 12.87
C HIS A 436 19.57 -19.25 11.72
N PHE A 437 20.68 -18.59 11.44
CA PHE A 437 20.76 -17.59 10.38
C PHE A 437 22.14 -17.81 9.84
N HIS A 438 22.28 -17.93 8.53
CA HIS A 438 23.60 -18.16 7.95
C HIS A 438 23.86 -17.24 6.74
N ARG A 439 24.78 -16.28 6.91
CA ARG A 439 25.01 -15.30 5.85
C ARG A 439 26.38 -15.42 5.18
N SER A 440 26.37 -15.44 3.85
CA SER A 440 27.56 -15.64 3.01
C SER A 440 27.76 -14.41 2.14
N GLY A 441 29.00 -14.18 1.67
CA GLY A 441 29.33 -12.94 0.98
C GLY A 441 29.77 -11.84 1.95
N ALA A 442 29.39 -10.59 1.69
CA ALA A 442 29.91 -9.47 2.50
C ALA A 442 28.95 -9.06 3.63
N PRO A 443 29.43 -8.17 4.53
CA PRO A 443 28.64 -7.55 5.60
C PRO A 443 27.68 -6.50 5.08
N SER A 444 26.44 -6.53 5.57
CA SER A 444 25.43 -5.57 5.15
C SER A 444 25.40 -4.36 6.09
#